data_4ICT
#
_entry.id   4ICT
#
_cell.length_a   77.808
_cell.length_b   77.808
_cell.length_c   264.085
_cell.angle_alpha   90.00
_cell.angle_beta   90.00
_cell.angle_gamma   120.00
#
_symmetry.space_group_name_H-M   'P 65 2 2'
#
loop_
_entity.id
_entity.type
_entity.pdbx_description
1 polymer 'Cytochrome P450 121'
2 non-polymer 'SULFATE ION'
3 non-polymer 'PROTOPORPHYRIN IX CONTAINING FE'
4 non-polymer (3S,6S)-3-benzyl-6-(4-hydroxybenzyl)piperazine-2,5-dione
5 water water
#
_entity_poly.entity_id   1
_entity_poly.type   'polypeptide(L)'
_entity_poly.pdbx_seq_one_letter_code
;ATVLLEVPFSARGDRIPDAVAELRTREPIRKVRTITGAEAWLVSSYALCTQVLEDRRFSMKETAAAGAPRLNALTVPPEV
VNNMGNIADAGLRKAVMKAITPKAPGLEQFLRDTANSLLDNLITEGAPADLRNDFADPLATALHCKVLGIPQEDGPKLFR
SLSIAFMSSADPIPAAKINWDRDIEYMAGILENPNITTGLMGELSRLRKDPAYSHVSDELFATIGVTFFGAGVISTGSFL
TTALISLIQRPQLRNLLHEKPELIPAGVEELLRINLSFADGLPRLATADIQVGDVLVRKGELVLVLLEGANFDPEHFPNP
GSIELDRPNPTSHLAFGRGQHFCPGSALGRRHAQIGIEALLKKMPGVDLAVPIDQLVWRTRFQRRIPERLPVLW
;
_entity_poly.pdbx_strand_id   A
#
loop_
_chem_comp.id
_chem_comp.type
_chem_comp.name
_chem_comp.formula
1ED non-polymer (3S,6S)-3-benzyl-6-(4-hydroxybenzyl)piperazine-2,5-dione 'C18 H18 N2 O3'
HEM non-polymer 'PROTOPORPHYRIN IX CONTAINING FE' 'C34 H32 Fe N4 O4'
SO4 non-polymer 'SULFATE ION' 'O4 S -2'
#
# COMPACT_ATOMS: atom_id res chain seq x y z
N ALA A 1 34.87 15.84 -0.60
CA ALA A 1 33.69 16.02 -1.52
C ALA A 1 32.72 14.85 -1.41
N THR A 2 31.45 15.15 -1.19
CA THR A 2 30.40 14.13 -1.14
C THR A 2 29.39 14.37 -2.25
N VAL A 3 28.66 13.31 -2.62
CA VAL A 3 27.61 13.40 -3.64
C VAL A 3 26.31 13.87 -2.98
N LEU A 4 25.36 14.33 -3.78
CA LEU A 4 24.03 14.71 -3.30
C LEU A 4 23.39 13.55 -2.53
N LEU A 5 22.73 13.84 -1.41
CA LEU A 5 22.02 12.81 -0.64
C LEU A 5 21.09 11.95 -1.51
N GLU A 6 21.26 10.63 -1.43
CA GLU A 6 20.48 9.67 -2.24
C GLU A 6 19.29 9.05 -1.48
N VAL A 7 18.20 8.79 -2.20
CA VAL A 7 17.02 8.11 -1.65
C VAL A 7 16.74 6.83 -2.45
N PRO A 8 16.18 5.80 -1.79
CA PRO A 8 15.75 5.75 -0.38
C PRO A 8 16.89 5.47 0.61
N PHE A 9 16.68 5.81 1.89
CA PHE A 9 17.73 5.69 2.90
C PHE A 9 18.06 4.25 3.30
N SER A 10 17.01 3.45 3.46
CA SER A 10 17.14 2.05 3.90
C SER A 10 15.87 1.31 3.53
N ALA A 11 16.03 0.05 3.13
CA ALA A 11 14.89 -0.82 2.84
C ALA A 11 14.33 -1.50 4.12
N ARG A 12 14.97 -1.30 5.28
CA ARG A 12 14.46 -1.89 6.53
C ARG A 12 13.14 -1.25 6.93
N GLY A 13 12.13 -2.08 7.19
CA GLY A 13 10.84 -1.59 7.64
C GLY A 13 10.56 -1.81 9.11
N ASP A 14 11.60 -2.15 9.87
CA ASP A 14 11.48 -2.38 11.32
C ASP A 14 12.04 -1.24 12.19
N ARG A 15 12.66 -0.26 11.56
CA ARG A 15 13.15 0.92 12.28
C ARG A 15 13.20 2.12 11.34
N ILE A 16 13.00 3.31 11.88
CA ILE A 16 13.11 4.56 11.09
C ILE A 16 14.52 5.14 11.24
N PRO A 17 15.18 5.44 10.13
CA PRO A 17 16.54 6.02 10.23
C PRO A 17 16.56 7.34 11.02
N ASP A 18 17.60 7.55 11.83
CA ASP A 18 17.78 8.82 12.54
C ASP A 18 17.79 10.04 11.60
N ALA A 19 18.29 9.85 10.38
CA ALA A 19 18.34 10.92 9.36
C ALA A 19 17.00 11.59 9.09
N VAL A 20 15.91 10.83 9.20
CA VAL A 20 14.59 11.40 8.95
C VAL A 20 14.33 12.59 9.87
N ALA A 21 14.47 12.39 11.20
CA ALA A 21 14.26 13.47 12.17
C ALA A 21 15.24 14.65 11.97
N GLU A 22 16.49 14.32 11.65
CA GLU A 22 17.52 15.33 11.37
C GLU A 22 17.10 16.20 10.17
N LEU A 23 16.68 15.54 9.08
CA LEU A 23 16.14 16.24 7.92
C LEU A 23 14.94 17.09 8.29
N ARG A 24 13.98 16.52 9.02
CA ARG A 24 12.71 17.22 9.30
C ARG A 24 12.95 18.50 10.11
N THR A 25 13.85 18.41 11.07
CA THR A 25 14.18 19.54 11.93
C THR A 25 14.90 20.66 11.17
N ARG A 26 15.90 20.29 10.39
CA ARG A 26 16.84 21.26 9.81
C ARG A 26 16.56 21.66 8.36
N GLU A 27 15.91 20.78 7.60
CA GLU A 27 15.65 21.04 6.17
C GLU A 27 14.45 20.23 5.68
N PRO A 28 13.22 20.58 6.14
CA PRO A 28 12.03 19.75 5.86
C PRO A 28 11.64 19.68 4.39
N ILE A 29 12.23 20.53 3.55
CA ILE A 29 12.24 20.30 2.11
C ILE A 29 13.66 20.47 1.63
N ARG A 30 14.20 19.44 0.96
CA ARG A 30 15.61 19.51 0.51
C ARG A 30 15.88 18.63 -0.71
N LYS A 31 16.92 18.98 -1.46
CA LYS A 31 17.21 18.31 -2.72
C LYS A 31 17.82 16.93 -2.46
N VAL A 32 17.41 15.94 -3.25
CA VAL A 32 17.98 14.58 -3.15
C VAL A 32 18.12 14.00 -4.56
N ARG A 33 18.85 12.89 -4.69
CA ARG A 33 18.96 12.17 -5.97
C ARG A 33 18.24 10.81 -5.89
N THR A 34 17.43 10.51 -6.90
CA THR A 34 16.69 9.25 -6.97
C THR A 34 17.54 8.20 -7.67
N ILE A 35 17.06 6.96 -7.68
CA ILE A 35 17.79 5.85 -8.27
C ILE A 35 18.00 6.00 -9.77
N THR A 36 17.21 6.85 -10.43
CA THR A 36 17.39 7.07 -11.88
C THR A 36 18.45 8.11 -12.20
N GLY A 37 18.95 8.80 -11.18
CA GLY A 37 19.93 9.88 -11.35
C GLY A 37 19.28 11.25 -11.37
N ALA A 38 17.94 11.29 -11.38
CA ALA A 38 17.22 12.57 -11.32
C ALA A 38 17.32 13.25 -9.94
N GLU A 39 17.25 14.58 -9.92
CA GLU A 39 17.12 15.31 -8.65
C GLU A 39 15.65 15.46 -8.30
N ALA A 40 15.34 15.54 -7.00
CA ALA A 40 13.96 15.73 -6.53
C ALA A 40 13.96 16.50 -5.21
N TRP A 41 12.82 17.07 -4.83
CA TRP A 41 12.67 17.71 -3.53
C TRP A 41 12.04 16.71 -2.58
N LEU A 42 12.74 16.40 -1.50
CA LEU A 42 12.21 15.48 -0.52
C LEU A 42 11.56 16.27 0.60
N VAL A 43 10.29 15.97 0.88
CA VAL A 43 9.50 16.72 1.85
C VAL A 43 9.16 15.83 3.04
N SER A 44 9.50 16.26 4.27
CA SER A 44 9.50 15.34 5.43
C SER A 44 8.80 15.84 6.72
N SER A 45 8.18 17.01 6.69
CA SER A 45 7.41 17.46 7.85
C SER A 45 5.92 17.30 7.55
N TYR A 46 5.12 17.13 8.61
CA TYR A 46 3.70 16.94 8.43
C TYR A 46 3.07 18.13 7.68
N ALA A 47 3.44 19.36 8.05
CA ALA A 47 2.83 20.56 7.48
C ALA A 47 3.11 20.68 5.98
N LEU A 48 4.35 20.43 5.58
CA LEU A 48 4.71 20.55 4.17
C LEU A 48 4.21 19.36 3.33
N CYS A 49 4.20 18.16 3.92
CA CYS A 49 3.64 17.00 3.24
C CYS A 49 2.16 17.25 2.91
N THR A 50 1.41 17.73 3.90
CA THR A 50 -0.01 17.98 3.67
C THR A 50 -0.21 19.07 2.63
N GLN A 51 0.60 20.12 2.69
CA GLN A 51 0.55 21.18 1.68
C GLN A 51 0.68 20.65 0.25
N VAL A 52 1.69 19.80 0.03
CA VAL A 52 1.90 19.23 -1.31
C VAL A 52 0.74 18.32 -1.73
N LEU A 53 0.32 17.42 -0.84
CA LEU A 53 -0.75 16.47 -1.20
C LEU A 53 -2.11 17.16 -1.46
N GLU A 54 -2.33 18.32 -0.86
CA GLU A 54 -3.60 19.04 -1.00
C GLU A 54 -3.66 20.05 -2.13
N ASP A 55 -2.55 20.20 -2.85
CA ASP A 55 -2.45 21.16 -3.95
C ASP A 55 -2.28 20.37 -5.24
N ARG A 56 -3.35 20.32 -6.04
CA ARG A 56 -3.37 19.51 -7.27
C ARG A 56 -2.36 19.95 -8.34
N ARG A 57 -1.85 21.18 -8.21
CA ARG A 57 -0.79 21.66 -9.11
C ARG A 57 0.51 20.85 -8.95
N PHE A 58 0.62 20.10 -7.85
CA PHE A 58 1.59 19.01 -7.71
C PHE A 58 0.88 17.74 -8.19
N SER A 59 1.12 17.41 -9.46
CA SER A 59 0.32 16.44 -10.21
C SER A 59 0.89 15.02 -10.14
N MET A 60 0.05 14.05 -9.78
CA MET A 60 0.39 12.63 -10.00
C MET A 60 0.44 12.30 -11.50
N LYS A 61 -0.63 12.63 -12.22
CA LYS A 61 -0.73 12.34 -13.66
C LYS A 61 0.54 12.74 -14.44
N GLU A 62 1.03 13.95 -14.20
CA GLU A 62 2.16 14.49 -14.94
C GLU A 62 3.52 13.84 -14.66
N THR A 63 3.64 13.09 -13.57
CA THR A 63 4.86 12.28 -13.34
C THR A 63 5.20 11.31 -14.49
N ALA A 64 4.19 10.97 -15.28
CA ALA A 64 4.33 10.02 -16.38
C ALA A 64 4.75 10.69 -17.70
N ALA A 65 4.86 12.02 -17.70
CA ALA A 65 5.25 12.77 -18.92
C ALA A 65 6.63 12.34 -19.43
N ALA A 66 6.79 12.21 -20.75
CA ALA A 66 8.10 11.90 -21.31
C ALA A 66 9.08 13.02 -20.96
N GLY A 67 10.32 12.67 -20.62
CA GLY A 67 11.37 13.69 -20.32
C GLY A 67 11.34 14.25 -18.91
N ALA A 68 10.38 13.84 -18.10
CA ALA A 68 10.26 14.33 -16.72
C ALA A 68 11.34 13.68 -15.84
N PRO A 69 11.77 14.36 -14.76
CA PRO A 69 12.63 13.69 -13.81
C PRO A 69 11.84 12.57 -13.11
N ARG A 70 12.42 11.38 -12.97
CA ARG A 70 11.67 10.22 -12.48
C ARG A 70 12.20 9.70 -11.16
N LEU A 71 11.27 9.26 -10.31
CA LEU A 71 11.62 8.54 -9.09
C LEU A 71 12.12 7.15 -9.47
N ASN A 72 11.39 6.51 -10.39
CA ASN A 72 11.70 5.16 -10.88
C ASN A 72 11.08 4.97 -12.27
N ALA A 73 11.33 3.84 -12.91
CA ALA A 73 10.77 3.56 -14.25
C ALA A 73 9.32 3.10 -14.13
N LEU A 74 8.50 3.43 -15.13
CA LEU A 74 7.11 2.94 -15.16
C LEU A 74 7.08 1.42 -15.29
N THR A 75 6.17 0.78 -14.55
CA THR A 75 5.89 -0.66 -14.70
C THR A 75 4.48 -0.89 -15.29
N VAL A 76 3.81 0.22 -15.57
CA VAL A 76 2.50 0.22 -16.20
C VAL A 76 2.55 1.19 -17.39
N PRO A 77 1.58 1.06 -18.33
CA PRO A 77 1.42 2.08 -19.37
C PRO A 77 1.24 3.48 -18.78
N PRO A 78 1.83 4.51 -19.42
CA PRO A 78 1.77 5.88 -18.86
C PRO A 78 0.36 6.37 -18.52
N GLU A 79 -0.63 5.98 -19.32
CA GLU A 79 -2.03 6.40 -19.05
C GLU A 79 -2.59 5.81 -17.75
N VAL A 80 -2.03 4.69 -17.32
CA VAL A 80 -2.47 3.99 -16.11
C VAL A 80 -2.03 4.69 -14.80
N VAL A 81 -1.06 5.59 -14.89
CA VAL A 81 -0.70 6.43 -13.74
C VAL A 81 -1.93 7.26 -13.32
N ASN A 82 -2.75 7.63 -14.30
CA ASN A 82 -3.99 8.38 -14.06
C ASN A 82 -5.20 7.46 -13.87
N ASN A 83 -4.98 6.28 -13.31
CA ASN A 83 -6.00 5.25 -13.26
C ASN A 83 -7.31 5.74 -12.62
N MET A 84 -7.23 6.28 -11.40
CA MET A 84 -8.44 6.78 -10.75
C MET A 84 -9.12 7.90 -11.53
N GLY A 85 -8.30 8.79 -12.09
CA GLY A 85 -8.81 9.85 -12.98
C GLY A 85 -9.63 9.28 -14.12
N ASN A 86 -9.10 8.23 -14.76
CA ASN A 86 -9.76 7.51 -15.86
C ASN A 86 -11.08 6.88 -15.43
N ILE A 87 -11.08 6.25 -14.26
CA ILE A 87 -12.27 5.66 -13.67
C ILE A 87 -13.31 6.75 -13.44
N ALA A 88 -12.90 7.86 -12.81
CA ALA A 88 -13.81 8.99 -12.57
C ALA A 88 -14.43 9.52 -13.87
N ASP A 89 -13.60 9.72 -14.89
CA ASP A 89 -14.02 10.23 -16.19
C ASP A 89 -15.02 9.30 -16.91
N ALA A 90 -14.92 8.01 -16.65
CA ALA A 90 -15.80 7.00 -17.24
C ALA A 90 -17.12 6.87 -16.51
N GLY A 91 -17.28 7.63 -15.42
CA GLY A 91 -18.45 7.57 -14.58
C GLY A 91 -18.51 6.32 -13.71
N LEU A 92 -17.34 5.77 -13.39
CA LEU A 92 -17.27 4.49 -12.67
C LEU A 92 -16.83 4.57 -11.21
N ARG A 93 -16.57 5.78 -10.71
CA ARG A 93 -16.04 5.97 -9.35
C ARG A 93 -16.96 5.36 -8.27
N LYS A 94 -18.24 5.78 -8.27
CA LYS A 94 -19.22 5.24 -7.31
C LYS A 94 -19.32 3.71 -7.32
N ALA A 95 -19.39 3.12 -8.52
CA ALA A 95 -19.57 1.69 -8.65
C ALA A 95 -18.35 0.93 -8.11
N VAL A 96 -17.17 1.43 -8.42
CA VAL A 96 -15.93 0.81 -7.93
C VAL A 96 -15.87 0.89 -6.39
N MET A 97 -16.16 2.07 -5.84
CA MET A 97 -16.14 2.32 -4.39
C MET A 97 -17.12 1.43 -3.65
N LYS A 98 -18.34 1.31 -4.17
CA LYS A 98 -19.33 0.44 -3.54
C LYS A 98 -18.89 -1.02 -3.55
N ALA A 99 -18.20 -1.42 -4.61
CA ALA A 99 -17.74 -2.81 -4.74
C ALA A 99 -16.62 -3.16 -3.77
N ILE A 100 -15.86 -2.17 -3.30
CA ILE A 100 -14.69 -2.44 -2.44
C ILE A 100 -14.84 -2.08 -0.95
N THR A 101 -16.07 -1.80 -0.50
CA THR A 101 -16.29 -1.57 0.93
C THR A 101 -16.29 -2.88 1.69
N PRO A 102 -15.71 -2.89 2.90
CA PRO A 102 -15.65 -4.14 3.65
C PRO A 102 -17.02 -4.56 4.22
N LYS A 103 -18.03 -3.71 4.02
CA LYS A 103 -19.35 -3.96 4.61
C LYS A 103 -20.27 -4.84 3.77
N ALA A 104 -19.76 -5.39 2.67
CA ALA A 104 -20.49 -6.37 1.87
C ALA A 104 -20.98 -7.54 2.73
N PRO A 105 -22.24 -8.01 2.49
CA PRO A 105 -22.76 -9.17 3.21
C PRO A 105 -21.84 -10.39 3.12
N GLY A 106 -21.48 -10.94 4.28
CA GLY A 106 -20.66 -12.17 4.34
C GLY A 106 -19.17 -11.97 4.14
N LEU A 107 -18.76 -10.77 3.76
CA LEU A 107 -17.35 -10.51 3.42
C LEU A 107 -16.44 -10.56 4.65
N GLU A 108 -16.84 -9.88 5.73
CA GLU A 108 -16.08 -9.92 6.98
C GLU A 108 -16.02 -11.33 7.59
N GLN A 109 -17.12 -12.08 7.45
CA GLN A 109 -17.17 -13.47 7.90
C GLN A 109 -16.25 -14.33 7.07
N PHE A 110 -16.19 -14.05 5.77
CA PHE A 110 -15.25 -14.73 4.88
C PHE A 110 -13.81 -14.47 5.31
N LEU A 111 -13.52 -13.24 5.72
CA LEU A 111 -12.20 -12.87 6.21
C LEU A 111 -11.85 -13.62 7.47
N ARG A 112 -12.80 -13.62 8.41
CA ARG A 112 -12.62 -14.35 9.66
C ARG A 112 -12.38 -15.84 9.43
N ASP A 113 -13.23 -16.48 8.64
CA ASP A 113 -13.07 -17.92 8.36
C ASP A 113 -11.74 -18.22 7.66
N THR A 114 -11.35 -17.34 6.73
CA THR A 114 -10.12 -17.53 5.97
C THR A 114 -8.90 -17.39 6.87
N ALA A 115 -8.87 -16.33 7.68
CA ALA A 115 -7.76 -16.10 8.64
C ALA A 115 -7.65 -17.29 9.61
N ASN A 116 -8.80 -17.71 10.14
CA ASN A 116 -8.82 -18.85 11.05
C ASN A 116 -8.31 -20.13 10.42
N SER A 117 -8.73 -20.43 9.19
CA SER A 117 -8.25 -21.62 8.47
C SER A 117 -6.74 -21.62 8.25
N LEU A 118 -6.22 -20.47 7.79
CA LEU A 118 -4.78 -20.31 7.54
C LEU A 118 -3.98 -20.60 8.82
N LEU A 119 -4.42 -20.01 9.93
CA LEU A 119 -3.74 -20.18 11.20
C LEU A 119 -3.81 -21.60 11.74
N ASP A 120 -4.98 -22.23 11.62
CA ASP A 120 -5.15 -23.64 12.02
C ASP A 120 -4.15 -24.55 11.31
N ASN A 121 -3.97 -24.33 10.01
CA ASN A 121 -3.02 -25.12 9.22
C ASN A 121 -1.58 -24.95 9.68
N LEU A 122 -1.21 -23.73 10.06
CA LEU A 122 0.13 -23.45 10.58
C LEU A 122 0.36 -24.15 11.92
N ILE A 123 -0.63 -24.05 12.80
CA ILE A 123 -0.58 -24.73 14.08
C ILE A 123 -0.42 -26.24 13.89
N THR A 124 -1.19 -26.80 12.97
CA THR A 124 -1.13 -28.23 12.64
C THR A 124 0.25 -28.66 12.15
N GLU A 125 0.83 -27.87 11.25
CA GLU A 125 2.17 -28.14 10.74
C GLU A 125 3.26 -27.97 11.80
N GLY A 126 3.05 -27.06 12.74
CA GLY A 126 4.02 -26.79 13.79
C GLY A 126 5.03 -25.69 13.47
N ALA A 127 5.58 -25.10 14.51
CA ALA A 127 6.60 -24.04 14.39
C ALA A 127 7.91 -24.56 13.81
N PRO A 128 8.66 -23.69 13.09
CA PRO A 128 8.34 -22.30 12.78
C PRO A 128 7.38 -22.16 11.60
N ALA A 129 6.66 -21.04 11.58
CA ALA A 129 5.75 -20.71 10.47
C ALA A 129 6.20 -19.39 9.87
N ASP A 130 5.85 -19.19 8.60
CA ASP A 130 6.16 -17.93 7.91
C ASP A 130 4.89 -17.11 7.79
N LEU A 131 4.80 -16.04 8.57
CA LEU A 131 3.57 -15.25 8.60
C LEU A 131 3.34 -14.34 7.40
N ARG A 132 4.36 -14.17 6.55
CA ARG A 132 4.13 -13.43 5.31
C ARG A 132 3.59 -14.40 4.26
N ASN A 133 4.40 -15.39 3.88
CA ASN A 133 4.04 -16.27 2.77
C ASN A 133 2.88 -17.21 3.07
N ASP A 134 2.67 -17.53 4.34
CA ASP A 134 1.65 -18.49 4.73
C ASP A 134 0.48 -17.93 5.56
N PHE A 135 0.44 -16.59 5.72
CA PHE A 135 -0.69 -15.94 6.40
C PHE A 135 -1.10 -14.61 5.75
N ALA A 136 -0.28 -13.58 5.93
CA ALA A 136 -0.67 -12.23 5.49
C ALA A 136 -0.96 -12.19 3.99
N ASP A 137 -0.09 -12.80 3.19
CA ASP A 137 -0.23 -12.72 1.73
C ASP A 137 -1.37 -13.59 1.15
N PRO A 138 -1.52 -14.85 1.60
CA PRO A 138 -2.72 -15.60 1.18
C PRO A 138 -4.03 -14.95 1.63
N LEU A 139 -4.03 -14.27 2.78
CA LEU A 139 -5.24 -13.64 3.30
C LEU A 139 -5.61 -12.45 2.43
N ALA A 140 -4.59 -11.67 2.07
CA ALA A 140 -4.75 -10.53 1.16
C ALA A 140 -5.26 -11.03 -0.19
N THR A 141 -4.68 -12.13 -0.68
CA THR A 141 -5.03 -12.68 -1.98
C THR A 141 -6.46 -13.23 -1.96
N ALA A 142 -6.79 -14.01 -0.94
CA ALA A 142 -8.15 -14.55 -0.78
C ALA A 142 -9.20 -13.43 -0.73
N LEU A 143 -8.88 -12.37 0.00
CA LEU A 143 -9.79 -11.24 0.13
C LEU A 143 -10.08 -10.58 -1.22
N HIS A 144 -9.04 -10.35 -2.01
CA HIS A 144 -9.20 -9.64 -3.26
C HIS A 144 -9.84 -10.47 -4.36
N CYS A 145 -9.60 -11.78 -4.34
CA CYS A 145 -10.37 -12.67 -5.21
C CYS A 145 -11.87 -12.52 -4.93
N LYS A 146 -12.25 -12.57 -3.64
CA LYS A 146 -13.65 -12.41 -3.23
C LYS A 146 -14.21 -11.04 -3.59
N VAL A 147 -13.45 -9.99 -3.29
CA VAL A 147 -13.88 -8.63 -3.63
C VAL A 147 -14.07 -8.46 -5.16
N LEU A 148 -13.15 -8.98 -5.95
CA LEU A 148 -13.27 -8.95 -7.42
C LEU A 148 -14.33 -9.90 -8.01
N GLY A 149 -14.67 -10.96 -7.29
CA GLY A 149 -15.62 -11.98 -7.80
C GLY A 149 -15.00 -13.02 -8.72
N ILE A 150 -13.70 -13.25 -8.55
CA ILE A 150 -12.95 -14.19 -9.39
C ILE A 150 -12.59 -15.44 -8.58
N PRO A 151 -12.38 -16.58 -9.26
CA PRO A 151 -12.12 -17.80 -8.52
C PRO A 151 -10.94 -17.68 -7.56
N GLN A 152 -11.08 -18.27 -6.38
CA GLN A 152 -9.99 -18.31 -5.40
C GLN A 152 -8.74 -18.97 -6.00
N GLU A 153 -8.96 -19.93 -6.90
CA GLU A 153 -7.88 -20.72 -7.50
C GLU A 153 -6.99 -19.89 -8.44
N ASP A 154 -7.52 -18.78 -8.95
CA ASP A 154 -6.79 -17.91 -9.86
C ASP A 154 -5.88 -16.92 -9.11
N GLY A 155 -6.07 -16.83 -7.80
CA GLY A 155 -5.36 -15.88 -6.95
C GLY A 155 -3.85 -16.04 -6.96
N PRO A 156 -3.35 -17.24 -6.66
CA PRO A 156 -1.90 -17.48 -6.65
C PRO A 156 -1.18 -17.08 -7.93
N LYS A 157 -1.73 -17.40 -9.10
CA LYS A 157 -1.08 -16.98 -10.34
C LYS A 157 -1.03 -15.47 -10.56
N LEU A 158 -2.12 -14.77 -10.24
CA LEU A 158 -2.14 -13.31 -10.33
C LEU A 158 -1.15 -12.69 -9.35
N PHE A 159 -1.04 -13.30 -8.17
CA PHE A 159 -0.10 -12.88 -7.13
C PHE A 159 1.37 -12.91 -7.59
N ARG A 160 1.71 -13.93 -8.37
CA ARG A 160 3.07 -14.15 -8.84
C ARG A 160 3.62 -13.00 -9.70
N SER A 161 2.74 -12.18 -10.27
CA SER A 161 3.19 -10.95 -10.96
C SER A 161 3.78 -9.89 -10.02
N LEU A 162 3.38 -9.89 -8.75
CA LEU A 162 3.55 -8.70 -7.90
C LEU A 162 4.99 -8.38 -7.47
N SER A 163 5.83 -9.41 -7.34
CA SER A 163 7.25 -9.19 -6.95
C SER A 163 8.01 -8.38 -8.01
N ILE A 164 7.45 -8.32 -9.22
CA ILE A 164 8.00 -7.54 -10.34
C ILE A 164 7.19 -6.26 -10.62
N ALA A 165 5.86 -6.40 -10.65
CA ALA A 165 4.95 -5.28 -10.90
C ALA A 165 5.22 -4.09 -9.99
N PHE A 166 5.52 -4.37 -8.72
CA PHE A 166 5.78 -3.30 -7.78
C PHE A 166 7.25 -3.03 -7.46
N MET A 167 8.14 -3.42 -8.38
CA MET A 167 9.54 -3.03 -8.28
C MET A 167 9.70 -1.52 -8.40
N SER A 168 10.70 -0.98 -7.72
CA SER A 168 11.08 0.42 -7.83
C SER A 168 12.46 0.43 -8.50
N SER A 169 12.45 0.50 -9.84
CA SER A 169 13.62 0.23 -10.67
C SER A 169 14.14 1.48 -11.38
N ALA A 170 15.45 1.54 -11.59
CA ALA A 170 16.05 2.66 -12.32
C ALA A 170 15.67 2.61 -13.80
N ASP A 171 15.45 1.41 -14.31
CA ASP A 171 15.24 1.17 -15.74
C ASP A 171 13.95 0.36 -16.00
N PRO A 172 13.37 0.47 -17.22
CA PRO A 172 12.20 -0.37 -17.56
C PRO A 172 12.44 -1.86 -17.32
N ILE A 173 11.38 -2.60 -17.01
CA ILE A 173 11.48 -4.02 -16.68
C ILE A 173 10.73 -4.88 -17.71
N PRO A 174 11.46 -5.64 -18.56
CA PRO A 174 10.81 -6.48 -19.57
C PRO A 174 9.74 -7.42 -18.98
N ALA A 175 10.03 -8.05 -17.84
CA ALA A 175 9.06 -8.97 -17.23
C ALA A 175 7.76 -8.29 -16.83
N ALA A 176 7.81 -7.00 -16.49
CA ALA A 176 6.59 -6.28 -16.09
C ALA A 176 5.58 -6.18 -17.24
N LYS A 177 6.08 -5.93 -18.46
CA LYS A 177 5.21 -5.90 -19.64
C LYS A 177 4.60 -7.28 -19.94
N ILE A 178 5.41 -8.33 -19.86
CA ILE A 178 4.94 -9.69 -20.11
C ILE A 178 3.78 -10.01 -19.17
N ASN A 179 4.01 -9.82 -17.87
CA ASN A 179 3.00 -10.13 -16.86
C ASN A 179 1.77 -9.23 -16.96
N TRP A 180 2.00 -7.95 -17.21
CA TRP A 180 0.92 -6.98 -17.42
C TRP A 180 -0.04 -7.41 -18.55
N ASP A 181 0.53 -7.67 -19.74
CA ASP A 181 -0.27 -8.07 -20.89
C ASP A 181 -1.03 -9.38 -20.64
N ARG A 182 -0.39 -10.33 -19.97
CA ARG A 182 -1.01 -11.60 -19.61
C ARG A 182 -2.18 -11.39 -18.63
N ASP A 183 -1.97 -10.56 -17.61
CA ASP A 183 -2.99 -10.31 -16.59
C ASP A 183 -4.18 -9.53 -17.16
N ILE A 184 -3.89 -8.64 -18.11
CA ILE A 184 -4.94 -7.89 -18.81
C ILE A 184 -5.81 -8.84 -19.63
N GLU A 185 -5.17 -9.79 -20.30
CA GLU A 185 -5.87 -10.84 -21.04
C GLU A 185 -6.76 -11.69 -20.14
N TYR A 186 -6.24 -12.03 -18.97
CA TYR A 186 -7.03 -12.78 -17.99
C TYR A 186 -8.29 -11.99 -17.64
N MET A 187 -8.12 -10.70 -17.30
CA MET A 187 -9.27 -9.86 -16.91
C MET A 187 -10.25 -9.63 -18.07
N ALA A 188 -9.74 -9.47 -19.29
CA ALA A 188 -10.64 -9.35 -20.44
C ALA A 188 -11.50 -10.62 -20.59
N GLY A 189 -10.90 -11.77 -20.35
CA GLY A 189 -11.63 -13.04 -20.35
C GLY A 189 -12.66 -13.11 -19.22
N ILE A 190 -12.32 -12.62 -18.04
CA ILE A 190 -13.28 -12.55 -16.93
C ILE A 190 -14.54 -11.73 -17.29
N LEU A 191 -14.34 -10.61 -17.99
CA LEU A 191 -15.46 -9.74 -18.39
C LEU A 191 -16.43 -10.41 -19.35
N GLU A 192 -15.93 -11.39 -20.10
CA GLU A 192 -16.73 -12.16 -21.07
C GLU A 192 -17.22 -13.51 -20.51
N ASN A 193 -16.82 -13.82 -19.28
CA ASN A 193 -17.14 -15.10 -18.63
C ASN A 193 -18.51 -15.03 -17.93
N PRO A 194 -19.50 -15.82 -18.41
CA PRO A 194 -20.84 -15.80 -17.82
C PRO A 194 -20.91 -16.25 -16.35
N ASN A 195 -19.91 -16.98 -15.88
CA ASN A 195 -19.85 -17.42 -14.48
C ASN A 195 -19.59 -16.27 -13.51
N ILE A 196 -19.05 -15.16 -14.02
CA ILE A 196 -18.57 -14.08 -13.15
C ILE A 196 -19.64 -13.02 -13.01
N THR A 197 -20.39 -13.08 -11.91
CA THR A 197 -21.56 -12.23 -11.71
C THR A 197 -21.55 -11.50 -10.35
N THR A 198 -20.53 -11.74 -9.54
CA THR A 198 -20.47 -11.08 -8.24
C THR A 198 -19.22 -10.19 -8.17
N GLY A 199 -19.18 -9.36 -7.12
CA GLY A 199 -18.01 -8.54 -6.81
C GLY A 199 -17.75 -7.46 -7.84
N LEU A 200 -16.56 -6.90 -7.80
CA LEU A 200 -16.20 -5.80 -8.68
C LEU A 200 -16.25 -6.19 -10.16
N MET A 201 -15.72 -7.36 -10.53
CA MET A 201 -15.71 -7.75 -11.94
C MET A 201 -17.11 -8.11 -12.46
N GLY A 202 -17.96 -8.62 -11.56
CA GLY A 202 -19.35 -8.87 -11.90
C GLY A 202 -20.09 -7.58 -12.20
N GLU A 203 -19.81 -6.54 -11.42
CA GLU A 203 -20.45 -5.25 -11.63
C GLU A 203 -19.90 -4.56 -12.88
N LEU A 204 -18.59 -4.61 -13.09
CA LEU A 204 -18.00 -4.02 -14.31
C LEU A 204 -18.54 -4.72 -15.55
N SER A 205 -18.72 -6.04 -15.44
CA SER A 205 -19.21 -6.83 -16.55
C SER A 205 -20.61 -6.42 -16.96
N ARG A 206 -21.47 -6.16 -15.98
CA ARG A 206 -22.82 -5.69 -16.30
C ARG A 206 -22.82 -4.24 -16.80
N LEU A 207 -22.03 -3.37 -16.18
CA LEU A 207 -21.95 -1.97 -16.64
C LEU A 207 -21.43 -1.88 -18.06
N ARG A 208 -20.53 -2.81 -18.42
CA ARG A 208 -19.97 -2.86 -19.78
C ARG A 208 -21.07 -3.01 -20.86
N LYS A 209 -22.15 -3.70 -20.53
CA LYS A 209 -23.24 -3.93 -21.50
C LYS A 209 -24.42 -2.97 -21.35
N ASP A 210 -24.28 -2.02 -20.42
CA ASP A 210 -25.28 -0.99 -20.17
C ASP A 210 -25.04 0.14 -21.16
N PRO A 211 -26.10 0.60 -21.85
CA PRO A 211 -25.91 1.62 -22.90
C PRO A 211 -25.30 2.94 -22.40
N ALA A 212 -25.47 3.26 -21.11
CA ALA A 212 -24.85 4.46 -20.54
C ALA A 212 -23.32 4.38 -20.44
N TYR A 213 -22.75 3.18 -20.64
CA TYR A 213 -21.29 2.97 -20.58
C TYR A 213 -20.74 2.39 -21.87
N SER A 214 -21.53 2.51 -22.94
CA SER A 214 -21.18 1.91 -24.23
C SER A 214 -19.86 2.40 -24.80
N HIS A 215 -19.51 3.66 -24.56
CA HIS A 215 -18.24 4.15 -25.10
C HIS A 215 -17.06 4.11 -24.13
N VAL A 216 -17.22 3.46 -22.98
CA VAL A 216 -16.07 3.19 -22.11
C VAL A 216 -15.27 2.04 -22.72
N SER A 217 -13.94 2.18 -22.78
CA SER A 217 -13.13 1.18 -23.46
C SER A 217 -12.99 -0.10 -22.67
N ASP A 218 -12.94 -1.22 -23.38
CA ASP A 218 -12.65 -2.52 -22.79
C ASP A 218 -11.28 -2.56 -22.11
N GLU A 219 -10.35 -1.77 -22.65
CA GLU A 219 -9.04 -1.60 -22.05
C GLU A 219 -9.19 -1.13 -20.60
N LEU A 220 -10.01 -0.10 -20.39
CA LEU A 220 -10.21 0.44 -19.04
C LEU A 220 -10.84 -0.57 -18.10
N PHE A 221 -11.86 -1.30 -18.57
CA PHE A 221 -12.52 -2.29 -17.73
C PHE A 221 -11.52 -3.37 -17.25
N ALA A 222 -10.71 -3.90 -18.15
CA ALA A 222 -9.69 -4.91 -17.77
C ALA A 222 -8.64 -4.32 -16.83
N THR A 223 -8.25 -3.08 -17.11
CA THR A 223 -7.25 -2.35 -16.32
C THR A 223 -7.69 -2.19 -14.86
N ILE A 224 -8.96 -1.83 -14.65
CA ILE A 224 -9.48 -1.70 -13.27
C ILE A 224 -9.30 -3.02 -12.49
N GLY A 225 -9.59 -4.15 -13.13
CA GLY A 225 -9.38 -5.47 -12.51
C GLY A 225 -7.95 -5.74 -12.08
N VAL A 226 -7.01 -5.57 -13.02
CA VAL A 226 -5.58 -5.82 -12.78
C VAL A 226 -5.02 -4.86 -11.73
N THR A 227 -5.36 -3.57 -11.86
CA THR A 227 -4.83 -2.55 -10.94
C THR A 227 -5.37 -2.65 -9.51
N PHE A 228 -6.66 -2.91 -9.34
CA PHE A 228 -7.21 -3.03 -7.98
C PHE A 228 -6.77 -4.32 -7.28
N PHE A 229 -6.64 -5.39 -8.05
CA PHE A 229 -6.08 -6.63 -7.48
C PHE A 229 -4.66 -6.35 -6.98
N GLY A 230 -3.81 -5.87 -7.88
CA GLY A 230 -2.40 -5.64 -7.58
C GLY A 230 -2.19 -4.64 -6.46
N ALA A 231 -2.74 -3.44 -6.57
CA ALA A 231 -2.57 -2.45 -5.50
C ALA A 231 -3.15 -2.91 -4.16
N GLY A 232 -4.33 -3.53 -4.17
CA GLY A 232 -4.98 -3.99 -2.94
C GLY A 232 -4.17 -5.08 -2.26
N VAL A 233 -3.76 -6.08 -3.04
CA VAL A 233 -3.02 -7.22 -2.51
C VAL A 233 -1.62 -6.81 -2.01
N ILE A 234 -0.88 -6.03 -2.79
CA ILE A 234 0.45 -5.63 -2.29
C ILE A 234 0.38 -4.74 -1.04
N SER A 235 -0.60 -3.84 -0.99
CA SER A 235 -0.71 -2.88 0.09
C SER A 235 -1.16 -3.54 1.40
N THR A 236 -2.17 -4.39 1.31
CA THR A 236 -2.73 -5.04 2.50
C THR A 236 -1.79 -6.13 2.99
N GLY A 237 -1.27 -6.93 2.06
CA GLY A 237 -0.29 -7.98 2.40
C GLY A 237 0.94 -7.41 3.08
N SER A 238 1.52 -6.36 2.50
CA SER A 238 2.70 -5.71 3.09
C SER A 238 2.40 -4.99 4.41
N PHE A 239 1.30 -4.24 4.45
CA PHE A 239 0.96 -3.57 5.70
C PHE A 239 0.75 -4.54 6.83
N LEU A 240 -0.04 -5.61 6.61
CA LEU A 240 -0.31 -6.57 7.68
C LEU A 240 1.00 -7.22 8.14
N THR A 241 1.86 -7.57 7.20
CA THR A 241 3.13 -8.21 7.54
C THR A 241 4.00 -7.34 8.45
N THR A 242 4.19 -6.08 8.07
CA THR A 242 5.02 -5.19 8.87
C THR A 242 4.35 -4.79 10.19
N ALA A 243 3.02 -4.66 10.18
CA ALA A 243 2.25 -4.43 11.42
C ALA A 243 2.43 -5.57 12.42
N LEU A 244 2.50 -6.81 11.93
CA LEU A 244 2.66 -7.96 12.81
C LEU A 244 4.04 -7.93 13.48
N ILE A 245 5.05 -7.48 12.73
CA ILE A 245 6.39 -7.26 13.31
C ILE A 245 6.33 -6.22 14.44
N SER A 246 5.63 -5.11 14.20
CA SER A 246 5.50 -4.04 15.19
C SER A 246 4.81 -4.54 16.45
N LEU A 247 3.84 -5.44 16.27
CA LEU A 247 3.09 -6.02 17.39
C LEU A 247 3.92 -7.05 18.15
N ILE A 248 4.58 -7.93 17.40
CA ILE A 248 5.35 -9.02 18.02
C ILE A 248 6.38 -8.40 18.96
N GLN A 249 6.99 -7.31 18.53
CA GLN A 249 7.98 -6.56 19.29
C GLN A 249 7.43 -5.68 20.44
N ARG A 250 6.12 -5.70 20.62
CA ARG A 250 5.47 -4.96 21.70
C ARG A 250 4.56 -5.90 22.49
N PRO A 251 5.13 -6.80 23.31
CA PRO A 251 4.33 -7.78 24.06
C PRO A 251 3.27 -7.15 24.97
N GLN A 252 3.55 -5.98 25.53
CA GLN A 252 2.59 -5.28 26.40
C GLN A 252 1.31 -4.89 25.62
N LEU A 253 1.50 -4.28 24.46
CA LEU A 253 0.39 -3.97 23.55
C LEU A 253 -0.33 -5.23 23.09
N ARG A 254 0.45 -6.26 22.73
CA ARG A 254 -0.08 -7.55 22.29
C ARG A 254 -1.01 -8.14 23.36
N ASN A 255 -0.58 -8.08 24.61
CA ASN A 255 -1.38 -8.58 25.75
C ASN A 255 -2.64 -7.77 25.97
N LEU A 256 -2.52 -6.44 25.85
CA LEU A 256 -3.66 -5.55 25.98
C LEU A 256 -4.73 -5.80 24.92
N LEU A 257 -4.30 -5.96 23.66
CA LEU A 257 -5.24 -6.21 22.58
C LEU A 257 -5.86 -7.60 22.68
N HIS A 258 -5.09 -8.57 23.15
CA HIS A 258 -5.60 -9.92 23.40
C HIS A 258 -6.73 -9.87 24.45
N GLU A 259 -6.44 -9.19 25.56
CA GLU A 259 -7.37 -9.02 26.67
C GLU A 259 -8.59 -8.16 26.33
N LYS A 260 -8.38 -7.08 25.57
CA LYS A 260 -9.47 -6.18 25.18
C LYS A 260 -9.49 -6.00 23.66
N PRO A 261 -10.07 -6.97 22.94
CA PRO A 261 -10.02 -6.94 21.48
C PRO A 261 -10.83 -5.80 20.87
N GLU A 262 -11.59 -5.10 21.70
CA GLU A 262 -12.34 -3.94 21.23
C GLU A 262 -11.42 -2.74 20.96
N LEU A 263 -10.20 -2.82 21.46
CA LEU A 263 -9.17 -1.81 21.23
C LEU A 263 -8.41 -2.03 19.91
N ILE A 264 -8.70 -3.14 19.23
CA ILE A 264 -7.97 -3.46 18.00
C ILE A 264 -8.07 -2.38 16.91
N PRO A 265 -9.28 -1.87 16.62
CA PRO A 265 -9.33 -0.75 15.67
C PRO A 265 -8.43 0.44 16.03
N ALA A 266 -8.38 0.83 17.31
CA ALA A 266 -7.48 1.92 17.71
C ALA A 266 -6.01 1.49 17.60
N GLY A 267 -5.73 0.21 17.87
CA GLY A 267 -4.39 -0.36 17.67
C GLY A 267 -3.96 -0.30 16.22
N VAL A 268 -4.87 -0.64 15.31
CA VAL A 268 -4.56 -0.69 13.87
C VAL A 268 -4.26 0.71 13.32
N GLU A 269 -4.99 1.70 13.82
CA GLU A 269 -4.78 3.09 13.41
C GLU A 269 -3.37 3.58 13.79
N GLU A 270 -2.92 3.25 14.99
CA GLU A 270 -1.54 3.52 15.37
C GLU A 270 -0.52 2.69 14.57
N LEU A 271 -0.86 1.45 14.26
CA LEU A 271 0.04 0.60 13.46
C LEU A 271 0.18 1.18 12.06
N LEU A 272 -0.92 1.71 11.54
CA LEU A 272 -0.91 2.46 10.27
C LEU A 272 -0.02 3.69 10.38
N ARG A 273 -0.19 4.46 11.45
CA ARG A 273 0.61 5.68 11.61
C ARG A 273 2.11 5.40 11.60
N ILE A 274 2.56 4.38 12.32
CA ILE A 274 4.01 4.12 12.41
C ILE A 274 4.56 3.23 11.29
N ASN A 275 3.71 2.87 10.34
CA ASN A 275 4.09 1.84 9.38
C ASN A 275 5.10 2.38 8.35
N LEU A 276 6.05 1.55 7.95
CA LEU A 276 7.09 1.94 7.01
C LEU A 276 6.98 1.15 5.70
N SER A 277 5.78 0.64 5.42
CA SER A 277 5.53 -0.19 4.24
C SER A 277 5.89 0.53 2.94
N PHE A 278 5.62 1.83 2.86
CA PHE A 278 5.96 2.59 1.63
C PHE A 278 7.46 2.90 1.55
N ALA A 279 8.12 2.35 0.53
CA ALA A 279 9.57 2.41 0.39
C ALA A 279 10.09 3.76 -0.11
N ASP A 280 9.24 4.48 -0.85
CA ASP A 280 9.62 5.75 -1.49
C ASP A 280 8.61 6.82 -1.11
N GLY A 281 9.02 8.09 -1.15
CA GLY A 281 8.05 9.20 -1.05
C GLY A 281 7.00 9.08 -2.16
N LEU A 282 5.82 9.65 -1.96
CA LEU A 282 4.82 9.71 -3.03
C LEU A 282 5.25 10.78 -4.06
N PRO A 283 5.36 10.39 -5.35
CA PRO A 283 5.85 11.36 -6.33
C PRO A 283 4.76 12.30 -6.89
N ARG A 284 5.15 13.54 -7.12
CA ARG A 284 4.30 14.56 -7.74
C ARG A 284 5.19 15.44 -8.61
N LEU A 285 4.66 15.91 -9.73
CA LEU A 285 5.39 16.84 -10.60
C LEU A 285 4.76 18.23 -10.52
N ALA A 286 5.56 19.24 -10.23
CA ALA A 286 5.06 20.62 -10.14
C ALA A 286 4.57 21.10 -11.51
N THR A 287 3.39 21.70 -11.58
CA THR A 287 2.89 22.22 -12.86
C THR A 287 2.87 23.76 -12.85
N ALA A 288 3.43 24.34 -11.79
CA ALA A 288 3.61 25.78 -11.65
C ALA A 288 4.76 26.00 -10.68
N ASP A 289 5.20 27.25 -10.53
CA ASP A 289 6.20 27.61 -9.53
C ASP A 289 5.48 27.85 -8.19
N ILE A 290 5.80 27.03 -7.19
CA ILE A 290 5.07 27.00 -5.93
C ILE A 290 6.03 27.00 -4.75
N GLN A 291 5.83 27.94 -3.82
CA GLN A 291 6.64 28.05 -2.62
C GLN A 291 6.21 26.97 -1.64
N VAL A 292 7.19 26.19 -1.20
CA VAL A 292 6.99 25.15 -0.18
C VAL A 292 8.07 25.39 0.85
N GLY A 293 7.68 25.85 2.04
CA GLY A 293 8.64 26.29 3.05
C GLY A 293 9.65 27.25 2.46
N ASP A 294 10.93 26.99 2.69
CA ASP A 294 12.03 27.85 2.23
C ASP A 294 12.36 27.72 0.74
N VAL A 295 11.68 26.81 0.04
CA VAL A 295 12.02 26.51 -1.36
C VAL A 295 10.93 26.94 -2.36
N LEU A 296 11.34 27.59 -3.44
CA LEU A 296 10.45 27.82 -4.58
C LEU A 296 10.61 26.64 -5.51
N VAL A 297 9.62 25.74 -5.53
CA VAL A 297 9.66 24.60 -6.45
C VAL A 297 9.29 25.10 -7.84
N ARG A 298 10.09 24.76 -8.84
CA ARG A 298 9.83 25.23 -10.21
C ARG A 298 9.00 24.24 -11.00
N LYS A 299 8.21 24.74 -11.95
CA LYS A 299 7.46 23.91 -12.88
C LYS A 299 8.37 22.86 -13.52
N GLY A 300 7.91 21.61 -13.49
CA GLY A 300 8.62 20.51 -14.11
C GLY A 300 9.47 19.71 -13.14
N GLU A 301 9.60 20.18 -11.90
CA GLU A 301 10.42 19.46 -10.90
C GLU A 301 9.67 18.38 -10.14
N LEU A 302 10.40 17.37 -9.68
CA LEU A 302 9.83 16.24 -8.96
C LEU A 302 9.87 16.50 -7.46
N VAL A 303 8.75 16.22 -6.81
CA VAL A 303 8.62 16.38 -5.36
C VAL A 303 8.24 15.01 -4.81
N LEU A 304 8.90 14.59 -3.74
CA LEU A 304 8.64 13.31 -3.06
C LEU A 304 8.14 13.54 -1.64
N VAL A 305 6.91 13.11 -1.38
CA VAL A 305 6.25 13.32 -0.09
C VAL A 305 6.52 12.09 0.78
N LEU A 306 7.33 12.26 1.82
CA LEU A 306 7.78 11.15 2.65
C LEU A 306 6.80 10.88 3.78
N LEU A 307 6.02 9.80 3.64
CA LEU A 307 4.92 9.53 4.58
C LEU A 307 5.37 9.40 6.04
N GLU A 308 6.48 8.70 6.26
CA GLU A 308 7.04 8.58 7.61
C GLU A 308 7.62 9.90 8.14
N GLY A 309 7.97 10.82 7.24
CA GLY A 309 8.30 12.16 7.67
C GLY A 309 7.12 12.77 8.41
N ALA A 310 5.96 12.77 7.75
CA ALA A 310 4.75 13.34 8.32
C ALA A 310 4.28 12.55 9.53
N ASN A 311 4.30 11.22 9.42
CA ASN A 311 3.69 10.35 10.45
C ASN A 311 4.51 10.25 11.72
N PHE A 312 5.80 10.53 11.64
CA PHE A 312 6.66 10.57 12.81
C PHE A 312 7.01 12.02 13.25
N ASP A 313 6.28 13.00 12.76
CA ASP A 313 6.56 14.41 13.08
C ASP A 313 6.07 14.71 14.52
N PRO A 314 7.01 15.05 15.44
CA PRO A 314 6.63 15.25 16.85
C PRO A 314 5.78 16.51 17.06
N GLU A 315 5.74 17.39 16.05
CA GLU A 315 4.92 18.59 16.12
C GLU A 315 3.43 18.27 15.88
N HIS A 316 3.16 17.12 15.27
CA HIS A 316 1.77 16.68 15.04
C HIS A 316 1.38 15.45 15.86
N PHE A 317 2.36 14.58 16.13
CA PHE A 317 2.13 13.35 16.89
C PHE A 317 3.21 13.26 18.00
N PRO A 318 3.00 13.95 19.13
CA PRO A 318 3.99 13.94 20.23
C PRO A 318 4.37 12.52 20.68
N ASN A 319 5.64 12.31 21.03
CA ASN A 319 6.24 10.98 21.27
C ASN A 319 5.89 10.02 20.12
N PRO A 320 6.28 10.41 18.88
CA PRO A 320 5.79 9.77 17.66
C PRO A 320 6.15 8.29 17.51
N GLY A 321 7.23 7.85 18.17
CA GLY A 321 7.65 6.44 18.07
C GLY A 321 6.85 5.47 18.93
N SER A 322 5.98 6.02 19.77
CA SER A 322 5.19 5.23 20.72
C SER A 322 3.79 4.98 20.22
N ILE A 323 3.33 3.73 20.29
CA ILE A 323 1.94 3.43 19.98
C ILE A 323 1.11 3.82 21.20
N GLU A 324 0.22 4.80 21.02
CA GLU A 324 -0.61 5.32 22.10
C GLU A 324 -2.04 5.30 21.61
N LEU A 325 -2.90 4.56 22.31
CA LEU A 325 -4.24 4.25 21.82
C LEU A 325 -5.25 5.36 22.10
N ASP A 326 -4.79 6.41 22.77
CA ASP A 326 -5.66 7.49 23.22
C ASP A 326 -5.24 8.87 22.67
N ARG A 327 -4.70 8.90 21.46
CA ARG A 327 -4.36 10.17 20.81
C ARG A 327 -5.65 10.92 20.44
N PRO A 328 -5.62 12.27 20.46
CA PRO A 328 -6.77 13.09 20.07
C PRO A 328 -6.99 13.22 18.56
N ASN A 329 -5.96 12.87 17.79
CA ASN A 329 -5.98 12.99 16.33
C ASN A 329 -5.60 11.68 15.60
N PRO A 330 -6.19 10.54 16.01
CA PRO A 330 -5.64 9.24 15.61
C PRO A 330 -5.73 8.88 14.12
N THR A 331 -6.69 9.42 13.39
CA THR A 331 -6.81 9.09 11.94
C THR A 331 -6.19 10.16 11.05
N SER A 332 -5.63 11.21 11.66
CA SER A 332 -5.01 12.30 10.87
C SER A 332 -3.63 11.96 10.30
N HIS A 333 -3.18 10.71 10.45
CA HIS A 333 -1.94 10.25 9.81
C HIS A 333 -2.09 10.24 8.28
N LEU A 334 -0.97 10.06 7.57
CA LEU A 334 -0.96 10.03 6.11
C LEU A 334 -0.75 8.64 5.48
N ALA A 335 -1.03 7.58 6.22
CA ALA A 335 -0.79 6.21 5.72
C ALA A 335 -1.54 5.86 4.45
N PHE A 336 -2.70 6.52 4.24
CA PHE A 336 -3.53 6.35 3.06
C PHE A 336 -3.44 7.58 2.16
N GLY A 337 -2.48 8.45 2.43
CA GLY A 337 -2.33 9.69 1.66
C GLY A 337 -3.29 10.78 2.08
N ARG A 338 -3.56 11.73 1.18
CA ARG A 338 -4.34 12.91 1.50
C ARG A 338 -4.72 13.60 0.20
N GLY A 339 -5.88 14.24 0.17
CA GLY A 339 -6.28 15.02 -1.02
C GLY A 339 -6.86 14.20 -2.15
N GLN A 340 -6.68 14.71 -3.36
CA GLN A 340 -7.25 14.12 -4.58
C GLN A 340 -7.04 12.61 -4.67
N HIS A 341 -5.87 12.15 -4.24
CA HIS A 341 -5.49 10.76 -4.43
C HIS A 341 -5.57 9.88 -3.19
N PHE A 342 -6.33 10.32 -2.19
CA PHE A 342 -6.56 9.50 -1.00
C PHE A 342 -6.96 8.06 -1.36
N CYS A 343 -6.31 7.07 -0.76
CA CYS A 343 -6.60 5.66 -1.02
C CYS A 343 -8.10 5.31 -1.07
N PRO A 344 -8.58 4.79 -2.22
CA PRO A 344 -9.99 4.38 -2.27
C PRO A 344 -10.31 3.09 -1.50
N GLY A 345 -9.28 2.34 -1.09
CA GLY A 345 -9.51 1.07 -0.41
C GLY A 345 -9.20 1.11 1.07
N SER A 346 -9.18 2.32 1.65
CA SER A 346 -8.78 2.51 3.04
C SER A 346 -9.62 1.70 4.02
N ALA A 347 -10.93 1.67 3.81
CA ALA A 347 -11.82 0.94 4.73
C ALA A 347 -11.55 -0.54 4.65
N LEU A 348 -11.33 -1.04 3.44
CA LEU A 348 -11.01 -2.44 3.21
C LEU A 348 -9.67 -2.81 3.83
N GLY A 349 -8.65 -1.95 3.68
CA GLY A 349 -7.33 -2.19 4.27
C GLY A 349 -7.39 -2.24 5.79
N ARG A 350 -8.09 -1.29 6.38
CA ARG A 350 -8.32 -1.29 7.84
C ARG A 350 -8.93 -2.61 8.32
N ARG A 351 -9.99 -3.05 7.65
CA ARG A 351 -10.71 -4.24 8.08
C ARG A 351 -9.87 -5.51 7.89
N HIS A 352 -9.12 -5.57 6.79
CA HIS A 352 -8.19 -6.67 6.54
C HIS A 352 -7.23 -6.83 7.72
N ALA A 353 -6.61 -5.72 8.14
CA ALA A 353 -5.65 -5.78 9.23
C ALA A 353 -6.30 -6.09 10.57
N GLN A 354 -7.44 -5.46 10.85
CA GLN A 354 -8.17 -5.68 12.10
C GLN A 354 -8.54 -7.16 12.29
N ILE A 355 -9.11 -7.76 11.25
CA ILE A 355 -9.51 -9.18 11.31
C ILE A 355 -8.31 -10.15 11.38
N GLY A 356 -7.28 -9.89 10.56
CA GLY A 356 -6.03 -10.65 10.61
C GLY A 356 -5.39 -10.65 11.99
N ILE A 357 -5.28 -9.47 12.59
CA ILE A 357 -4.70 -9.34 13.93
C ILE A 357 -5.58 -9.99 15.01
N GLU A 358 -6.90 -9.75 14.94
CA GLU A 358 -7.85 -10.41 15.83
C GLU A 358 -7.67 -11.92 15.87
N ALA A 359 -7.63 -12.54 14.68
CA ALA A 359 -7.53 -13.99 14.57
C ALA A 359 -6.19 -14.52 15.04
N LEU A 360 -5.10 -13.80 14.71
CA LEU A 360 -3.75 -14.18 15.16
C LEU A 360 -3.64 -14.21 16.68
N LEU A 361 -4.12 -13.17 17.33
CA LEU A 361 -4.01 -13.07 18.79
C LEU A 361 -4.87 -14.11 19.49
N LYS A 362 -6.02 -14.42 18.90
CA LYS A 362 -6.90 -15.46 19.42
C LYS A 362 -6.24 -16.85 19.32
N LYS A 363 -5.66 -17.15 18.16
CA LYS A 363 -5.08 -18.47 17.87
C LYS A 363 -3.66 -18.65 18.40
N MET A 364 -2.88 -17.57 18.39
CA MET A 364 -1.46 -17.62 18.69
C MET A 364 -1.08 -16.54 19.71
N PRO A 365 -1.67 -16.61 20.92
CA PRO A 365 -1.41 -15.56 21.90
C PRO A 365 0.06 -15.52 22.31
N GLY A 366 0.77 -16.63 22.12
CA GLY A 366 2.20 -16.72 22.42
C GLY A 366 3.13 -16.38 21.27
N VAL A 367 2.59 -15.81 20.18
CA VAL A 367 3.40 -15.46 19.00
C VAL A 367 4.68 -14.66 19.33
N ASP A 368 5.78 -15.04 18.70
CA ASP A 368 7.06 -14.37 18.85
C ASP A 368 7.90 -14.69 17.61
N LEU A 369 8.87 -13.83 17.31
CA LEU A 369 9.84 -14.12 16.25
C LEU A 369 10.61 -15.40 16.58
N ALA A 370 10.84 -16.21 15.55
CA ALA A 370 11.62 -17.46 15.66
C ALA A 370 13.11 -17.27 15.32
N VAL A 371 13.45 -16.06 14.83
CA VAL A 371 14.83 -15.66 14.51
C VAL A 371 15.07 -14.25 15.08
N PRO A 372 16.35 -13.91 15.44
CA PRO A 372 16.65 -12.53 15.81
C PRO A 372 16.18 -11.56 14.74
N ILE A 373 15.68 -10.40 15.15
CA ILE A 373 14.98 -9.51 14.20
C ILE A 373 15.91 -9.01 13.09
N ASP A 374 17.20 -8.90 13.37
CA ASP A 374 18.18 -8.48 12.33
C ASP A 374 18.33 -9.51 11.20
N GLN A 375 17.87 -10.75 11.44
CA GLN A 375 17.92 -11.82 10.45
C GLN A 375 16.86 -11.72 9.38
N LEU A 376 15.85 -10.88 9.57
CA LEU A 376 14.86 -10.64 8.49
C LEU A 376 15.57 -10.07 7.26
N VAL A 377 15.19 -10.54 6.08
CA VAL A 377 15.78 -10.14 4.80
C VAL A 377 14.83 -9.14 4.13
N TRP A 378 15.25 -7.88 4.08
CA TRP A 378 14.38 -6.82 3.56
C TRP A 378 14.50 -6.66 2.06
N ARG A 379 13.36 -6.78 1.38
CA ARG A 379 13.33 -6.67 -0.08
C ARG A 379 13.83 -5.29 -0.53
N THR A 380 14.71 -5.26 -1.53
CA THR A 380 15.31 -4.03 -2.04
C THR A 380 14.70 -3.60 -3.37
N ARG A 381 14.89 -2.32 -3.70
CA ARG A 381 14.41 -1.75 -4.98
C ARG A 381 12.96 -2.16 -5.29
N PHE A 382 12.11 -1.97 -4.28
CA PHE A 382 10.69 -2.34 -4.36
C PHE A 382 9.87 -1.16 -3.83
N GLN A 383 8.62 -1.05 -4.28
CA GLN A 383 7.76 0.07 -3.87
C GLN A 383 7.27 -0.07 -2.43
N ARG A 384 7.42 -1.28 -1.87
CA ARG A 384 7.12 -1.54 -0.47
C ARG A 384 8.34 -2.06 0.26
N ARG A 385 8.35 -1.85 1.57
CA ARG A 385 9.35 -2.48 2.44
C ARG A 385 8.70 -3.72 3.06
N ILE A 386 9.30 -4.88 2.85
CA ILE A 386 8.77 -6.16 3.36
C ILE A 386 9.88 -7.20 3.59
N PRO A 387 9.74 -8.03 4.65
CA PRO A 387 10.69 -9.12 4.85
C PRO A 387 10.35 -10.26 3.88
N GLU A 388 11.36 -10.94 3.33
CA GLU A 388 11.07 -12.01 2.38
C GLU A 388 10.31 -13.16 3.06
N ARG A 389 10.67 -13.43 4.30
CA ARG A 389 10.01 -14.43 5.13
C ARG A 389 9.82 -13.83 6.52
N LEU A 390 8.75 -14.20 7.21
CA LEU A 390 8.56 -13.78 8.60
C LEU A 390 8.43 -14.99 9.55
N PRO A 391 9.57 -15.59 9.95
CA PRO A 391 9.50 -16.82 10.74
C PRO A 391 9.06 -16.56 12.16
N VAL A 392 8.02 -17.25 12.60
CA VAL A 392 7.51 -17.10 13.97
C VAL A 392 7.33 -18.42 14.72
N LEU A 393 7.26 -18.33 16.04
CA LEU A 393 6.84 -19.47 16.86
C LEU A 393 5.73 -19.00 17.84
N TRP A 394 5.19 -19.91 18.63
CA TRP A 394 4.01 -19.59 19.44
C TRP A 394 3.86 -20.56 20.60
S SO4 B . -3.75 15.08 -11.04
O1 SO4 B . -3.05 13.82 -10.83
O2 SO4 B . -3.91 15.82 -9.80
O3 SO4 B . -3.02 15.92 -11.99
O4 SO4 B . -5.09 14.82 -11.56
S SO4 C . 20.45 0.01 6.75
O1 SO4 C . 21.29 -1.02 7.34
O2 SO4 C . 19.65 0.62 7.81
O3 SO4 C . 19.55 -0.62 5.76
O4 SO4 C . 21.26 1.02 6.08
S SO4 D . 23.97 16.72 0.81
O1 SO4 D . 25.09 15.78 0.80
O2 SO4 D . 23.41 16.76 2.17
O3 SO4 D . 22.94 16.28 -0.12
O4 SO4 D . 24.44 18.05 0.44
S SO4 E . 7.09 -13.68 -3.43
O1 SO4 E . 6.42 -14.95 -3.25
O2 SO4 E . 7.80 -13.34 -2.19
O3 SO4 E . 6.13 -12.62 -3.75
O4 SO4 E . 8.05 -13.80 -4.52
CHA HEM F . -3.72 5.03 -3.35
CHB HEM F . -1.95 3.23 0.80
CHC HEM F . -5.04 -0.46 0.39
CHD HEM F . -6.00 0.77 -4.18
C1A HEM F . -3.02 4.92 -2.17
C2A HEM F . -2.17 5.92 -1.58
C3A HEM F . -1.69 5.43 -0.43
C4A HEM F . -2.21 4.08 -0.26
CMA HEM F . -0.70 6.12 0.54
CAA HEM F . -1.87 7.34 -2.14
CBA HEM F . -0.74 7.36 -3.15
CGA HEM F . -0.51 8.74 -3.73
O1A HEM F . -1.27 9.70 -3.43
O2A HEM F . 0.46 8.88 -4.53
C1B HEM F . -2.62 2.07 1.09
C2B HEM F . -2.46 1.22 2.26
C3B HEM F . -3.33 0.19 2.14
C4B HEM F . -4.06 0.36 0.89
CMB HEM F . -1.46 1.46 3.43
CAB HEM F . -3.54 -1.00 3.09
CBB HEM F . -3.54 -0.85 4.41
C1C HEM F . -5.62 -0.45 -0.85
C2C HEM F . -6.64 -1.35 -1.35
C3C HEM F . -6.90 -1.01 -2.62
C4C HEM F . -6.06 0.13 -2.95
CMC HEM F . -7.28 -2.48 -0.49
CAC HEM F . -7.91 -1.62 -3.62
CBC HEM F . -8.50 -2.80 -3.39
C1D HEM F . -5.49 2.04 -4.38
C2D HEM F . -5.61 2.80 -5.61
C3D HEM F . -4.90 4.12 -5.34
C4D HEM F . -4.42 4.03 -3.99
CMD HEM F . -6.31 2.38 -6.93
CAD HEM F . -4.72 5.32 -6.30
CBD HEM F . -5.69 6.43 -5.87
CGD HEM F . -5.63 7.62 -6.79
O1D HEM F . -6.48 8.53 -6.65
O2D HEM F . -4.74 7.67 -7.67
NA HEM F . -3.03 3.80 -1.35
NB HEM F . -3.59 1.50 0.29
NC HEM F . -5.30 0.44 -1.86
ND HEM F . -4.77 2.79 -3.45
FE HEM F . -4.30 2.20 -1.46
OB 1ED G . -4.32 2.51 -9.75
CB 1ED G . -3.16 2.86 -9.87
CAB 1ED G . -2.13 1.85 -10.32
CBB 1ED G . -1.66 0.94 -9.17
CGB 1ED G . -0.90 -0.22 -9.79
CD4 1ED G . 0.47 -0.10 -10.07
CE4 1ED G . 1.17 -1.17 -10.65
CZB 1ED G . 0.51 -2.35 -10.95
OHB 1ED G . 1.22 -3.37 -11.52
CE3 1ED G . -0.86 -2.48 -10.68
CD3 1ED G . -1.56 -1.42 -10.09
NB 1ED G . -0.98 2.49 -10.97
CA 1ED G . -0.60 3.76 -10.76
OA 1ED G . 0.44 4.20 -11.27
NA 1ED G . -2.79 4.11 -9.61
CAA 1ED G . -1.47 4.66 -9.91
CBA 1ED G . -0.78 5.09 -8.59
CGA 1ED G . -0.53 3.94 -7.62
CD1 1ED G . -1.49 3.62 -6.66
CE1 1ED G . -1.27 2.56 -5.77
CZA 1ED G . -0.08 1.82 -5.84
CE2 1ED G . 0.87 2.14 -6.81
CD2 1ED G . 0.65 3.20 -7.70
#